data_7F19
#
_entry.id   7F19
#
_cell.length_a   76.892
_cell.length_b   62.287
_cell.length_c   96.653
_cell.angle_alpha   90.000
_cell.angle_beta   96.153
_cell.angle_gamma   90.000
#
_symmetry.space_group_name_H-M   'C 1 2 1'
#
loop_
_entity.id
_entity.type
_entity.pdbx_description
1 polymer 'Blue copper oxidase CueO'
2 non-polymer 'CU-O-CU LINKAGE'
3 non-polymer DI(HYDROXYETHYL)ETHER
4 non-polymer 'COPPER (II) ION'
5 non-polymer 'NITRATE ION'
6 water water
#
_entity_poly.entity_id   1
_entity_poly.type   'polypeptide(L)'
_entity_poly.pdbx_seq_one_letter_code
;MQRRDFLKYSVALGVASALPLWSRAVFAAERPTLPIPDLLTTDARNRIQLTIGAGQSTFGGKTATTWGYNGNLLGPAVKL
QRGKAVTVDIYNQLTEETTLHWHGLEVPGEVDGGPQGIIPPGGKRSVTLNVDQPAATCWFHPHQHGKTGRQVAMGLAGLV
VIEDDEILKLMLPKQWGIDDVPVIVQDKKFSADGQIDYQLDVMTAAVGWFGDTLLTNGAIYPQHAAPRGWLRLRLLNGCN
ARSLNFATSDNRPLYVIASDGGLLPEPVKVSELPVLMGERFEVLVEVNDNKPFDLVTLPVSQMEMAIAPFDKPHPVMRIQ
PIAISASGALPDTLSSLPALPSLEGLTVRKLQLSMDPMLDMMGMQMLMEKYGDQAMAGMDHSQMMGHMGHGNMNHMNHGG
KFDFHHANKINGQAFDMNKPMFAAAKGQYERWVISGVGDMMLHPFHIHGTQFRILSENGKPPAAHRAGWKDTVKVEGNVS
EVLVKFNHDAPKEHAYMAHCHLLEHEDTGMMLGFTV
;
_entity_poly.pdbx_strand_id   A
#
loop_
_chem_comp.id
_chem_comp.type
_chem_comp.name
_chem_comp.formula
C2O non-polymer 'CU-O-CU LINKAGE' 'Cu2 O'
CU non-polymer 'COPPER (II) ION' 'Cu 2'
NO3 non-polymer 'NITRATE ION' 'N O3 -1'
PEG non-polymer DI(HYDROXYETHYL)ETHER 'C4 H10 O3'
#
# COMPACT_ATOMS: atom_id res chain seq x y z
N ALA A 29 8.78 -4.70 31.46
CA ALA A 29 8.07 -5.02 30.19
C ALA A 29 9.07 -4.95 29.02
N GLU A 30 9.51 -6.12 28.54
CA GLU A 30 10.11 -6.30 27.20
C GLU A 30 9.20 -5.59 26.18
N ARG A 31 9.70 -5.37 24.95
N ARG A 31 9.70 -5.35 24.95
CA ARG A 31 8.88 -4.86 23.82
CA ARG A 31 8.89 -4.84 23.82
C ARG A 31 7.88 -5.94 23.41
C ARG A 31 7.89 -5.92 23.41
N PRO A 32 6.67 -5.55 22.99
CA PRO A 32 5.70 -6.51 22.50
C PRO A 32 6.30 -7.27 21.31
N THR A 33 5.87 -8.51 21.13
CA THR A 33 6.15 -9.28 19.90
C THR A 33 5.40 -8.63 18.70
N LEU A 34 6.04 -8.59 17.54
CA LEU A 34 5.39 -8.16 16.27
C LEU A 34 4.20 -9.08 16.02
N PRO A 35 2.98 -8.55 15.95
CA PRO A 35 1.84 -9.35 15.52
C PRO A 35 1.98 -9.75 14.05
N ILE A 36 1.69 -11.02 13.73
CA ILE A 36 1.70 -11.54 12.33
C ILE A 36 0.27 -11.76 11.85
N PRO A 37 -0.20 -11.05 10.79
CA PRO A 37 -1.48 -11.35 10.17
C PRO A 37 -1.59 -12.82 9.76
N ASP A 38 -2.77 -13.42 9.96
CA ASP A 38 -3.00 -14.85 9.61
C ASP A 38 -3.01 -15.01 8.10
N LEU A 39 -2.29 -16.01 7.61
CA LEU A 39 -2.26 -16.37 6.17
C LEU A 39 -3.57 -17.09 5.86
N LEU A 40 -4.52 -16.40 5.20
CA LEU A 40 -5.90 -16.89 4.94
C LEU A 40 -5.99 -17.41 3.49
N THR A 41 -6.25 -18.70 3.31
CA THR A 41 -6.46 -19.38 1.99
C THR A 41 -7.93 -19.81 1.78
N THR A 42 -8.28 -20.23 0.56
CA THR A 42 -9.62 -20.74 0.19
C THR A 42 -9.98 -21.93 1.10
N ASP A 43 -11.28 -22.11 1.35
CA ASP A 43 -11.85 -23.30 2.07
C ASP A 43 -12.26 -24.33 1.02
N ALA A 44 -13.03 -25.34 1.44
CA ALA A 44 -13.45 -26.53 0.67
C ALA A 44 -14.02 -26.15 -0.70
N ARG A 45 -14.91 -25.15 -0.75
CA ARG A 45 -15.66 -24.76 -1.98
C ARG A 45 -15.00 -23.54 -2.64
N ASN A 46 -13.72 -23.28 -2.38
CA ASN A 46 -12.96 -22.18 -3.05
C ASN A 46 -13.50 -20.81 -2.61
N ARG A 47 -13.72 -20.62 -1.30
CA ARG A 47 -14.32 -19.39 -0.73
C ARG A 47 -13.43 -18.82 0.37
N ILE A 48 -13.52 -17.51 0.55
CA ILE A 48 -12.84 -16.77 1.65
C ILE A 48 -13.91 -15.87 2.28
N GLN A 49 -14.01 -15.87 3.61
CA GLN A 49 -14.96 -15.01 4.34
C GLN A 49 -14.19 -13.85 4.97
N LEU A 50 -14.66 -12.62 4.74
CA LEU A 50 -14.10 -11.39 5.33
C LEU A 50 -15.21 -10.65 6.10
N THR A 51 -15.10 -10.54 7.41
CA THR A 51 -16.05 -9.73 8.22
C THR A 51 -15.39 -8.41 8.59
N ILE A 52 -16.04 -7.32 8.22
CA ILE A 52 -15.64 -5.94 8.55
C ILE A 52 -16.37 -5.56 9.83
N GLY A 53 -15.64 -5.42 10.94
CA GLY A 53 -16.24 -5.22 12.27
C GLY A 53 -15.41 -4.34 13.18
N ALA A 54 -16.01 -3.95 14.31
CA ALA A 54 -15.40 -3.11 15.34
C ALA A 54 -15.10 -3.97 16.57
N GLY A 55 -13.95 -3.71 17.20
CA GLY A 55 -13.55 -4.33 18.46
C GLY A 55 -12.76 -3.34 19.27
N GLN A 56 -11.90 -3.84 20.15
CA GLN A 56 -11.00 -3.01 20.99
C GLN A 56 -9.56 -3.52 20.86
N SER A 57 -8.64 -2.57 20.74
CA SER A 57 -7.17 -2.79 20.79
C SER A 57 -6.64 -1.94 21.93
N THR A 58 -5.49 -2.33 22.48
CA THR A 58 -4.77 -1.58 23.55
C THR A 58 -3.51 -0.95 22.93
N PHE A 59 -3.30 0.33 23.21
CA PHE A 59 -2.13 1.13 22.75
C PHE A 59 -1.56 1.84 23.98
N GLY A 60 -0.32 1.51 24.33
CA GLY A 60 0.39 1.99 25.54
C GLY A 60 -0.51 1.98 26.78
N GLY A 61 -1.13 0.83 27.09
CA GLY A 61 -1.91 0.62 28.31
C GLY A 61 -3.39 0.98 28.17
N LYS A 62 -3.77 1.80 27.17
CA LYS A 62 -5.11 2.41 27.04
C LYS A 62 -5.90 1.72 25.92
N THR A 63 -7.09 1.21 26.25
CA THR A 63 -8.00 0.51 25.30
C THR A 63 -8.59 1.56 24.34
N ALA A 64 -8.73 1.21 23.06
CA ALA A 64 -9.35 2.07 22.01
C ALA A 64 -10.26 1.20 21.15
N THR A 65 -11.39 1.76 20.70
CA THR A 65 -12.24 1.13 19.67
C THR A 65 -11.44 1.12 18.36
N THR A 66 -11.35 -0.05 17.75
CA THR A 66 -10.68 -0.21 16.43
C THR A 66 -11.55 -1.04 15.50
N TRP A 67 -11.29 -0.90 14.19
CA TRP A 67 -11.95 -1.72 13.15
C TRP A 67 -10.94 -2.72 12.56
N GLY A 68 -11.42 -3.92 12.24
CA GLY A 68 -10.60 -4.98 11.63
C GLY A 68 -11.36 -5.85 10.66
N TYR A 69 -10.62 -6.45 9.73
CA TYR A 69 -11.07 -7.58 8.90
C TYR A 69 -10.74 -8.84 9.67
N ASN A 70 -11.77 -9.64 9.97
CA ASN A 70 -11.63 -10.94 10.65
C ASN A 70 -10.89 -10.71 11.97
N GLY A 71 -11.28 -9.67 12.70
CA GLY A 71 -10.72 -9.31 14.01
C GLY A 71 -10.87 -7.84 14.29
N ASN A 72 -10.12 -7.41 15.31
CA ASN A 72 -10.24 -6.12 16.01
C ASN A 72 -9.49 -5.02 15.26
N LEU A 73 -8.47 -5.37 14.49
CA LEU A 73 -7.50 -4.36 13.94
C LEU A 73 -6.85 -4.94 12.69
N LEU A 74 -6.60 -4.11 11.68
CA LEU A 74 -5.93 -4.53 10.43
C LEU A 74 -6.66 -5.73 9.86
N GLY A 75 -5.97 -6.77 9.44
CA GLY A 75 -6.64 -7.85 8.71
C GLY A 75 -5.67 -8.98 8.46
N PRO A 76 -6.14 -10.07 7.86
CA PRO A 76 -5.29 -11.21 7.52
C PRO A 76 -4.52 -10.92 6.22
N ALA A 77 -3.57 -11.79 5.89
CA ALA A 77 -2.97 -11.89 4.55
C ALA A 77 -3.69 -12.95 3.73
N VAL A 78 -4.51 -12.53 2.78
CA VAL A 78 -5.17 -13.39 1.77
C VAL A 78 -4.09 -13.91 0.82
N LYS A 79 -3.94 -15.22 0.71
CA LYS A 79 -2.90 -15.83 -0.16
C LYS A 79 -3.60 -16.38 -1.39
N LEU A 80 -3.33 -15.82 -2.56
CA LEU A 80 -3.86 -16.30 -3.87
C LEU A 80 -2.73 -16.99 -4.62
N GLN A 81 -3.08 -17.84 -5.58
CA GLN A 81 -2.14 -18.49 -6.52
C GLN A 81 -2.50 -17.95 -7.91
N ARG A 82 -1.50 -17.52 -8.69
CA ARG A 82 -1.71 -17.08 -10.08
C ARG A 82 -2.48 -18.17 -10.84
N GLY A 83 -3.62 -17.80 -11.43
CA GLY A 83 -4.41 -18.60 -12.37
C GLY A 83 -5.49 -19.43 -11.69
N LYS A 84 -5.66 -19.33 -10.37
CA LYS A 84 -6.65 -20.10 -9.55
C LYS A 84 -7.74 -19.16 -8.98
N ALA A 85 -8.89 -19.07 -9.63
CA ALA A 85 -10.06 -18.25 -9.20
C ALA A 85 -10.42 -18.56 -7.74
N VAL A 86 -10.85 -17.55 -6.99
CA VAL A 86 -11.37 -17.70 -5.61
C VAL A 86 -12.54 -16.73 -5.46
N THR A 87 -13.48 -17.07 -4.59
CA THR A 87 -14.64 -16.21 -4.26
C THR A 87 -14.46 -15.67 -2.85
N VAL A 88 -14.65 -14.36 -2.70
CA VAL A 88 -14.56 -13.69 -1.38
C VAL A 88 -15.97 -13.21 -1.03
N ASP A 89 -16.48 -13.69 0.11
CA ASP A 89 -17.75 -13.23 0.74
C ASP A 89 -17.41 -12.20 1.81
N ILE A 90 -17.90 -10.98 1.64
CA ILE A 90 -17.59 -9.80 2.49
C ILE A 90 -18.86 -9.42 3.25
N TYR A 91 -18.80 -9.43 4.58
CA TYR A 91 -19.93 -9.03 5.45
C TYR A 91 -19.56 -7.72 6.13
N ASN A 92 -20.33 -6.65 5.90
CA ASN A 92 -20.12 -5.33 6.54
C ASN A 92 -20.91 -5.30 7.86
N GLN A 93 -20.22 -5.44 9.01
CA GLN A 93 -20.80 -5.30 10.38
C GLN A 93 -20.42 -3.96 11.01
N LEU A 94 -20.13 -2.94 10.23
CA LEU A 94 -19.91 -1.57 10.75
C LEU A 94 -21.27 -0.88 10.92
N THR A 95 -21.23 0.38 11.36
CA THR A 95 -22.39 1.29 11.51
C THR A 95 -22.39 2.33 10.39
N GLU A 96 -21.59 2.12 9.33
CA GLU A 96 -21.59 2.97 8.11
C GLU A 96 -21.27 2.10 6.89
N GLU A 97 -21.43 2.66 5.69
CA GLU A 97 -21.13 2.00 4.40
C GLU A 97 -19.61 1.82 4.25
N THR A 98 -19.20 0.82 3.48
CA THR A 98 -17.75 0.60 3.16
C THR A 98 -17.66 -0.01 1.76
N THR A 99 -16.41 -0.16 1.27
CA THR A 99 -16.04 -0.91 0.04
C THR A 99 -14.76 -1.67 0.38
N LEU A 100 -14.46 -2.70 -0.39
CA LEU A 100 -13.22 -3.46 -0.21
C LEU A 100 -12.49 -3.47 -1.54
N HIS A 101 -11.43 -2.65 -1.61
CA HIS A 101 -10.53 -2.47 -2.77
C HIS A 101 -9.29 -3.35 -2.61
N TRP A 102 -8.88 -4.02 -3.69
CA TRP A 102 -7.66 -4.86 -3.72
C TRP A 102 -6.56 -4.04 -4.42
N HIS A 103 -5.86 -3.24 -3.63
CA HIS A 103 -4.76 -2.35 -4.11
C HIS A 103 -3.65 -3.16 -4.77
N GLY A 104 -3.54 -3.10 -6.11
CA GLY A 104 -2.44 -3.64 -6.93
C GLY A 104 -2.88 -4.81 -7.78
N LEU A 105 -4.09 -5.31 -7.54
CA LEU A 105 -4.61 -6.47 -8.29
C LEU A 105 -5.10 -5.99 -9.64
N GLU A 106 -4.66 -6.66 -10.71
CA GLU A 106 -5.23 -6.45 -12.07
C GLU A 106 -6.52 -7.28 -12.20
N VAL A 107 -7.63 -6.70 -11.78
CA VAL A 107 -8.95 -7.39 -11.79
C VAL A 107 -9.93 -6.45 -12.49
N PRO A 108 -11.07 -6.98 -12.99
CA PRO A 108 -12.10 -6.18 -13.61
C PRO A 108 -12.57 -5.07 -12.68
N GLY A 109 -13.06 -3.97 -13.26
CA GLY A 109 -13.72 -2.88 -12.54
C GLY A 109 -14.76 -3.42 -11.57
N GLU A 110 -15.47 -4.49 -11.94
CA GLU A 110 -16.67 -4.97 -11.21
C GLU A 110 -16.25 -5.62 -9.87
N VAL A 111 -15.00 -6.03 -9.67
CA VAL A 111 -14.55 -6.66 -8.40
C VAL A 111 -13.49 -5.78 -7.71
N ASP A 112 -13.28 -4.56 -8.20
CA ASP A 112 -12.11 -3.71 -7.85
C ASP A 112 -12.42 -2.99 -6.54
N GLY A 113 -13.69 -2.90 -6.17
CA GLY A 113 -14.14 -2.32 -4.90
C GLY A 113 -13.69 -0.87 -4.73
N GLY A 114 -13.73 -0.09 -5.82
CA GLY A 114 -13.63 1.37 -5.76
C GLY A 114 -14.87 1.97 -5.12
N PRO A 115 -15.05 3.31 -5.12
CA PRO A 115 -16.18 3.92 -4.43
C PRO A 115 -17.59 3.46 -4.88
N GLN A 116 -17.75 2.92 -6.09
CA GLN A 116 -19.05 2.41 -6.58
C GLN A 116 -19.42 1.08 -5.90
N GLY A 117 -18.48 0.36 -5.29
CA GLY A 117 -18.75 -0.99 -4.76
C GLY A 117 -19.36 -0.97 -3.35
N ILE A 118 -20.35 -0.11 -3.10
CA ILE A 118 -20.88 0.16 -1.73
C ILE A 118 -21.36 -1.16 -1.11
N ILE A 119 -20.96 -1.43 0.14
CA ILE A 119 -21.57 -2.47 1.01
C ILE A 119 -22.22 -1.76 2.19
N PRO A 120 -23.57 -1.81 2.30
CA PRO A 120 -24.28 -1.06 3.34
C PRO A 120 -24.03 -1.70 4.69
N PRO A 121 -24.32 -1.00 5.82
CA PRO A 121 -24.25 -1.62 7.14
C PRO A 121 -25.17 -2.84 7.18
N GLY A 122 -24.70 -3.96 7.72
CA GLY A 122 -25.45 -5.23 7.79
C GLY A 122 -25.45 -5.95 6.45
N GLY A 123 -24.84 -5.36 5.42
CA GLY A 123 -24.83 -5.86 4.04
C GLY A 123 -23.77 -6.92 3.80
N LYS A 124 -23.88 -7.63 2.68
CA LYS A 124 -23.00 -8.76 2.28
C LYS A 124 -22.64 -8.53 0.81
N ARG A 125 -21.46 -8.97 0.38
CA ARG A 125 -21.00 -8.79 -1.01
C ARG A 125 -20.06 -9.95 -1.36
N SER A 126 -20.25 -10.54 -2.53
CA SER A 126 -19.42 -11.66 -3.05
C SER A 126 -18.69 -11.17 -4.29
N VAL A 127 -17.41 -11.51 -4.43
CA VAL A 127 -16.57 -11.12 -5.60
C VAL A 127 -15.69 -12.33 -5.96
N THR A 128 -15.59 -12.63 -7.26
CA THR A 128 -14.66 -13.64 -7.80
C THR A 128 -13.40 -12.92 -8.31
N LEU A 129 -12.24 -13.17 -7.67
CA LEU A 129 -10.89 -12.73 -8.10
C LEU A 129 -10.25 -13.87 -8.91
N ASN A 130 -9.98 -13.64 -10.19
CA ASN A 130 -9.22 -14.54 -11.09
C ASN A 130 -7.81 -13.96 -11.24
N VAL A 131 -6.90 -14.25 -10.31
CA VAL A 131 -5.52 -13.69 -10.24
C VAL A 131 -4.74 -14.14 -11.49
N ASP A 132 -4.25 -13.15 -12.25
CA ASP A 132 -3.55 -13.32 -13.56
C ASP A 132 -2.37 -12.34 -13.63
N GLN A 133 -1.51 -12.32 -12.64
CA GLN A 133 -0.33 -11.42 -12.61
C GLN A 133 0.80 -12.08 -11.84
N PRO A 134 2.05 -11.60 -12.01
CA PRO A 134 3.18 -12.18 -11.29
C PRO A 134 3.04 -12.07 -9.75
N ALA A 135 3.74 -12.96 -9.06
CA ALA A 135 3.84 -12.98 -7.59
C ALA A 135 4.13 -11.56 -7.09
N ALA A 136 3.49 -11.16 -6.00
CA ALA A 136 3.66 -9.82 -5.42
C ALA A 136 2.97 -9.75 -4.07
N THR A 137 3.37 -8.77 -3.25
CA THR A 137 2.61 -8.36 -2.04
C THR A 137 1.70 -7.21 -2.42
N CYS A 138 0.41 -7.45 -2.43
CA CYS A 138 -0.58 -6.35 -2.59
C CYS A 138 -1.23 -6.12 -1.22
N TRP A 139 -2.28 -5.32 -1.17
CA TRP A 139 -3.02 -5.10 0.08
C TRP A 139 -4.45 -4.71 -0.25
N PHE A 140 -5.25 -4.62 0.80
CA PHE A 140 -6.67 -4.26 0.63
C PHE A 140 -7.09 -3.37 1.78
N HIS A 141 -8.06 -2.55 1.48
CA HIS A 141 -8.49 -1.45 2.37
C HIS A 141 -9.78 -0.90 1.82
N PRO A 142 -10.47 -0.07 2.63
CA PRO A 142 -11.66 0.61 2.17
C PRO A 142 -11.39 1.61 1.04
N HIS A 143 -12.42 1.86 0.24
CA HIS A 143 -12.42 2.92 -0.81
C HIS A 143 -13.76 3.67 -0.78
N GLN A 144 -14.39 3.80 0.40
CA GLN A 144 -15.64 4.61 0.57
C GLN A 144 -15.34 6.06 0.18
N HIS A 145 -16.17 6.64 -0.68
CA HIS A 145 -16.01 8.03 -1.20
C HIS A 145 -16.05 9.01 -0.03
N GLY A 146 -14.96 9.72 0.24
CA GLY A 146 -14.89 10.74 1.31
C GLY A 146 -14.63 10.19 2.71
N LYS A 147 -14.67 8.86 2.91
CA LYS A 147 -14.52 8.25 4.27
C LYS A 147 -13.28 7.33 4.36
N THR A 148 -12.61 7.04 3.23
CA THR A 148 -11.44 6.12 3.14
C THR A 148 -10.41 6.44 4.23
N GLY A 149 -10.00 7.70 4.37
CA GLY A 149 -9.06 8.18 5.40
C GLY A 149 -9.49 7.76 6.79
N ARG A 150 -10.73 8.07 7.15
CA ARG A 150 -11.28 7.69 8.46
C ARG A 150 -11.30 6.17 8.59
N GLN A 151 -11.69 5.45 7.55
CA GLN A 151 -11.93 3.99 7.67
C GLN A 151 -10.59 3.25 7.79
N VAL A 152 -9.55 3.76 7.13
CA VAL A 152 -8.13 3.25 7.24
C VAL A 152 -7.57 3.69 8.59
N ALA A 153 -7.81 4.93 8.98
CA ALA A 153 -7.37 5.42 10.30
C ALA A 153 -7.93 4.55 11.43
N MET A 154 -9.18 4.09 11.33
CA MET A 154 -9.84 3.33 12.43
C MET A 154 -9.32 1.89 12.50
N GLY A 155 -8.65 1.40 11.46
CA GLY A 155 -7.87 0.16 11.56
C GLY A 155 -7.95 -0.76 10.36
N LEU A 156 -8.75 -0.44 9.36
CA LEU A 156 -9.05 -1.39 8.26
C LEU A 156 -7.88 -1.38 7.26
N ALA A 157 -7.10 -2.44 7.25
CA ALA A 157 -6.22 -2.72 6.11
C ALA A 157 -5.89 -4.19 6.17
N GLY A 158 -5.82 -4.83 5.01
CA GLY A 158 -5.35 -6.23 4.92
C GLY A 158 -4.23 -6.38 3.91
N LEU A 159 -3.69 -7.60 3.79
CA LEU A 159 -2.61 -7.93 2.83
C LEU A 159 -3.11 -8.95 1.80
N VAL A 160 -2.51 -8.91 0.62
CA VAL A 160 -2.69 -9.94 -0.43
C VAL A 160 -1.30 -10.42 -0.85
N VAL A 161 -1.10 -11.71 -0.76
CA VAL A 161 0.19 -12.40 -1.10
C VAL A 161 -0.11 -13.25 -2.34
N ILE A 162 0.42 -12.83 -3.48
CA ILE A 162 0.24 -13.58 -4.75
C ILE A 162 1.49 -14.42 -4.95
N GLU A 163 1.30 -15.70 -5.21
CA GLU A 163 2.38 -16.63 -5.59
C GLU A 163 2.11 -17.13 -7.01
N ASP A 164 3.18 -17.56 -7.68
CA ASP A 164 3.16 -18.06 -9.07
C ASP A 164 4.20 -19.20 -9.14
N ASP A 165 4.44 -19.77 -10.33
CA ASP A 165 5.31 -20.95 -10.53
C ASP A 165 6.78 -20.53 -10.44
N GLU A 166 7.07 -19.26 -10.71
CA GLU A 166 8.45 -18.70 -10.81
C GLU A 166 9.02 -18.43 -9.39
N ILE A 167 8.34 -17.63 -8.58
CA ILE A 167 8.91 -17.12 -7.30
C ILE A 167 9.30 -18.29 -6.39
N LEU A 168 8.53 -19.38 -6.36
CA LEU A 168 8.84 -20.51 -5.44
C LEU A 168 10.15 -21.22 -5.86
N LYS A 169 10.53 -21.22 -7.14
CA LYS A 169 11.81 -21.83 -7.58
C LYS A 169 13.03 -21.08 -6.99
N LEU A 170 12.87 -19.81 -6.56
CA LEU A 170 14.02 -18.94 -6.14
C LEU A 170 14.59 -19.27 -4.75
N MET A 171 13.91 -19.99 -3.86
CA MET A 171 14.48 -20.29 -2.51
C MET A 171 14.70 -19.00 -1.71
N LEU A 172 13.83 -18.00 -1.88
CA LEU A 172 13.77 -16.83 -0.95
C LEU A 172 13.43 -17.31 0.47
N PRO A 173 13.68 -16.48 1.52
CA PRO A 173 13.08 -16.73 2.83
C PRO A 173 11.55 -16.78 2.66
N LYS A 174 10.87 -17.79 3.22
CA LYS A 174 9.44 -18.07 2.91
C LYS A 174 8.66 -18.65 4.10
N GLN A 175 9.25 -18.76 5.29
CA GLN A 175 8.54 -19.15 6.54
C GLN A 175 7.71 -17.96 7.06
N TRP A 176 6.40 -17.99 6.84
CA TRP A 176 5.51 -16.86 7.15
C TRP A 176 5.56 -16.59 8.66
N GLY A 177 5.93 -15.37 9.03
CA GLY A 177 5.94 -14.93 10.43
C GLY A 177 7.23 -15.29 11.13
N ILE A 178 8.20 -15.87 10.42
CA ILE A 178 9.51 -16.25 11.03
C ILE A 178 10.64 -15.50 10.27
N ASP A 179 10.90 -15.86 9.00
CA ASP A 179 11.99 -15.22 8.19
C ASP A 179 11.38 -14.47 7.00
N ASP A 180 10.06 -14.56 6.85
CA ASP A 180 9.27 -13.83 5.82
C ASP A 180 8.14 -13.10 6.54
N VAL A 181 8.30 -11.81 6.85
CA VAL A 181 7.31 -11.09 7.71
C VAL A 181 6.74 -9.85 7.02
N PRO A 182 5.42 -9.66 7.15
CA PRO A 182 4.79 -8.41 6.72
C PRO A 182 5.11 -7.35 7.77
N VAL A 183 5.38 -6.13 7.32
CA VAL A 183 5.65 -4.95 8.18
C VAL A 183 4.74 -3.84 7.70
N ILE A 184 3.55 -3.73 8.29
CA ILE A 184 2.57 -2.66 8.02
C ILE A 184 2.86 -1.51 8.98
N VAL A 185 3.41 -0.41 8.47
CA VAL A 185 3.80 0.76 9.27
C VAL A 185 2.75 1.85 9.08
N GLN A 186 2.31 2.39 10.20
CA GLN A 186 1.16 3.35 10.27
C GLN A 186 1.34 4.25 11.49
N ASP A 187 1.12 5.54 11.33
CA ASP A 187 1.04 6.47 12.49
C ASP A 187 -0.44 6.65 12.80
N LYS A 188 -0.75 6.97 14.07
CA LYS A 188 -2.12 7.31 14.50
C LYS A 188 -2.02 8.50 15.46
N LYS A 189 -3.08 9.29 15.49
CA LYS A 189 -3.34 10.36 16.49
C LYS A 189 -4.43 9.86 17.44
N PHE A 190 -4.14 9.84 18.75
CA PHE A 190 -5.08 9.48 19.84
C PHE A 190 -5.49 10.75 20.61
N SER A 191 -6.76 10.82 21.06
CA SER A 191 -7.22 11.83 22.06
C SER A 191 -6.82 11.37 23.47
N ALA A 192 -6.83 12.28 24.45
CA ALA A 192 -6.35 12.01 25.82
C ALA A 192 -7.17 10.87 26.46
N ASP A 193 -8.39 10.61 25.99
CA ASP A 193 -9.23 9.46 26.45
C ASP A 193 -8.69 8.09 25.94
N GLY A 194 -7.71 8.06 25.03
CA GLY A 194 -7.13 6.81 24.47
C GLY A 194 -7.78 6.39 23.15
N GLN A 195 -8.73 7.18 22.65
CA GLN A 195 -9.49 6.83 21.41
C GLN A 195 -8.73 7.39 20.21
N ILE A 196 -8.79 6.67 19.08
CA ILE A 196 -8.30 7.21 17.78
C ILE A 196 -8.99 8.55 17.51
N ASP A 197 -8.22 9.57 17.16
CA ASP A 197 -8.72 10.96 16.96
C ASP A 197 -8.61 11.31 15.48
N TYR A 198 -9.59 10.87 14.68
CA TYR A 198 -9.73 11.29 13.27
C TYR A 198 -10.82 12.35 13.16
N GLN A 199 -10.54 13.40 12.38
CA GLN A 199 -11.53 14.35 11.81
C GLN A 199 -10.97 14.83 10.46
N LEU A 200 -11.77 14.75 9.40
CA LEU A 200 -11.46 15.38 8.10
C LEU A 200 -12.00 16.83 8.12
N ASP A 201 -11.11 17.78 8.36
CA ASP A 201 -11.42 19.22 8.44
C ASP A 201 -10.49 19.94 7.45
N VAL A 202 -10.53 21.27 7.44
CA VAL A 202 -9.97 22.13 6.36
C VAL A 202 -8.45 21.99 6.34
N MET A 203 -7.81 21.72 7.49
CA MET A 203 -6.34 21.54 7.53
C MET A 203 -5.95 20.12 7.06
N THR A 204 -6.65 19.07 7.48
CA THR A 204 -6.31 17.67 7.08
C THR A 204 -6.42 17.52 5.56
N ALA A 205 -7.44 18.14 4.95
CA ALA A 205 -7.69 18.11 3.49
C ALA A 205 -6.46 18.59 2.73
N ALA A 206 -5.69 19.50 3.36
CA ALA A 206 -4.49 20.16 2.78
C ALA A 206 -3.23 19.32 2.99
N VAL A 207 -2.93 19.01 4.26
CA VAL A 207 -1.61 18.48 4.73
C VAL A 207 -1.70 16.97 5.00
N GLY A 208 -2.91 16.45 5.26
CA GLY A 208 -3.20 15.03 5.55
C GLY A 208 -3.38 14.77 7.03
N TRP A 209 -4.01 13.65 7.39
CA TRP A 209 -4.15 13.22 8.79
C TRP A 209 -2.88 12.49 9.18
N PHE A 210 -2.16 12.94 10.22
CA PHE A 210 -0.98 12.24 10.77
C PHE A 210 -0.95 12.41 12.27
N GLY A 211 -0.13 11.62 12.94
CA GLY A 211 0.01 11.61 14.41
C GLY A 211 1.41 11.23 14.82
N ASP A 212 1.68 11.14 16.12
CA ASP A 212 3.06 10.87 16.61
C ASP A 212 3.17 9.45 17.14
N THR A 213 2.12 8.65 17.10
CA THR A 213 2.19 7.22 17.51
C THR A 213 2.42 6.38 16.25
N LEU A 214 3.60 5.78 16.12
CA LEU A 214 3.92 4.90 14.97
C LEU A 214 3.58 3.46 15.35
N LEU A 215 2.77 2.81 14.54
CA LEU A 215 2.34 1.40 14.75
C LEU A 215 2.98 0.48 13.72
N THR A 216 3.36 -0.70 14.17
CA THR A 216 3.98 -1.73 13.32
C THR A 216 3.14 -2.99 13.48
N ASN A 217 2.46 -3.36 12.40
CA ASN A 217 1.32 -4.32 12.42
C ASN A 217 0.42 -4.02 13.63
N GLY A 218 0.12 -2.74 13.92
CA GLY A 218 -0.79 -2.34 15.00
C GLY A 218 -0.17 -2.35 16.39
N ALA A 219 1.13 -2.62 16.53
CA ALA A 219 1.86 -2.60 17.84
C ALA A 219 2.80 -1.41 17.90
N ILE A 220 3.07 -0.90 19.11
CA ILE A 220 4.10 0.15 19.33
C ILE A 220 5.47 -0.49 19.54
N TYR A 221 6.39 -0.22 18.62
CA TYR A 221 7.80 -0.64 18.69
C TYR A 221 7.90 -2.10 19.10
N PRO A 222 7.38 -3.03 18.30
CA PRO A 222 7.44 -4.45 18.63
C PRO A 222 8.84 -4.97 18.33
N GLN A 223 9.11 -6.19 18.76
CA GLN A 223 10.38 -6.91 18.51
C GLN A 223 10.03 -8.15 17.72
N HIS A 224 10.87 -8.57 16.78
CA HIS A 224 10.62 -9.77 15.94
C HIS A 224 11.82 -10.69 16.06
N ALA A 225 11.57 -11.95 16.44
CA ALA A 225 12.58 -13.03 16.61
C ALA A 225 12.90 -13.62 15.23
N ALA A 226 14.11 -13.37 14.71
CA ALA A 226 14.55 -13.68 13.32
C ALA A 226 15.69 -14.69 13.33
N PRO A 227 15.61 -15.78 12.54
CA PRO A 227 16.73 -16.71 12.41
C PRO A 227 17.92 -16.07 11.67
N ARG A 228 19.11 -16.64 11.88
CA ARG A 228 20.38 -16.24 11.24
C ARG A 228 20.26 -16.45 9.73
N GLY A 229 20.84 -15.54 8.97
CA GLY A 229 20.83 -15.56 7.50
C GLY A 229 20.03 -14.39 6.97
N TRP A 230 19.08 -14.67 6.10
CA TRP A 230 18.29 -13.60 5.42
C TRP A 230 16.92 -13.47 6.09
N LEU A 231 16.58 -12.26 6.48
CA LEU A 231 15.19 -11.92 6.88
C LEU A 231 14.56 -11.18 5.72
N ARG A 232 13.36 -11.65 5.33
CA ARG A 232 12.52 -11.04 4.26
C ARG A 232 11.44 -10.18 4.91
N LEU A 233 11.49 -8.88 4.67
CA LEU A 233 10.42 -7.94 5.13
C LEU A 233 9.56 -7.52 3.93
N ARG A 234 8.24 -7.70 4.04
CA ARG A 234 7.25 -7.15 3.08
C ARG A 234 6.71 -5.83 3.65
N LEU A 235 7.38 -4.72 3.30
CA LEU A 235 7.07 -3.37 3.85
C LEU A 235 5.83 -2.82 3.17
N LEU A 236 4.91 -2.28 3.96
CA LEU A 236 3.77 -1.50 3.43
C LEU A 236 3.71 -0.19 4.21
N ASN A 237 3.74 0.93 3.50
CA ASN A 237 3.45 2.25 4.10
C ASN A 237 1.92 2.35 4.09
N GLY A 238 1.31 1.99 5.22
CA GLY A 238 -0.16 2.04 5.41
C GLY A 238 -0.63 3.33 6.10
N CYS A 239 0.19 4.40 6.08
CA CYS A 239 -0.16 5.72 6.68
C CYS A 239 -1.13 6.44 5.74
N ASN A 240 -2.00 7.29 6.28
CA ASN A 240 -2.91 8.14 5.50
C ASN A 240 -2.08 9.12 4.66
N ALA A 241 -1.05 9.74 5.23
CA ALA A 241 -0.43 10.92 4.57
C ALA A 241 1.09 10.91 4.64
N ARG A 242 1.67 10.38 5.72
CA ARG A 242 3.13 10.35 6.01
C ARG A 242 3.84 9.39 5.03
N SER A 243 4.87 9.89 4.34
CA SER A 243 5.88 9.05 3.63
C SER A 243 6.89 8.55 4.67
N LEU A 244 7.61 7.48 4.31
CA LEU A 244 8.54 6.80 5.23
C LEU A 244 9.85 6.66 4.51
N ASN A 245 10.89 6.44 5.28
CA ASN A 245 12.24 6.22 4.69
C ASN A 245 12.94 5.16 5.51
N PHE A 246 12.87 3.89 5.09
CA PHE A 246 13.40 2.78 5.91
C PHE A 246 14.93 2.73 5.76
N ALA A 247 15.58 2.42 6.89
CA ALA A 247 17.01 2.11 7.03
C ALA A 247 17.14 1.21 8.26
N THR A 248 18.35 0.77 8.58
CA THR A 248 18.64 0.01 9.82
C THR A 248 19.34 0.94 10.77
N SER A 249 19.25 0.65 12.06
CA SER A 249 19.90 1.44 13.14
C SER A 249 21.42 1.48 12.91
N ASP A 250 22.01 0.52 12.19
CA ASP A 250 23.49 0.50 11.98
C ASP A 250 23.83 0.60 10.50
N ASN A 251 22.91 1.11 9.69
CA ASN A 251 23.08 1.40 8.26
C ASN A 251 23.57 0.17 7.51
N ARG A 252 23.26 -1.04 7.95
CA ARG A 252 23.43 -2.22 7.06
C ARG A 252 22.43 -2.04 5.92
N PRO A 253 22.76 -2.52 4.73
CA PRO A 253 21.89 -2.31 3.57
C PRO A 253 20.60 -3.12 3.64
N LEU A 254 19.60 -2.65 2.89
CA LEU A 254 18.41 -3.42 2.50
C LEU A 254 18.57 -3.81 1.03
N TYR A 255 18.44 -5.09 0.76
CA TYR A 255 18.43 -5.64 -0.62
C TYR A 255 16.97 -5.67 -1.08
N VAL A 256 16.58 -4.73 -1.92
CA VAL A 256 15.22 -4.66 -2.52
C VAL A 256 15.12 -5.78 -3.56
N ILE A 257 14.13 -6.68 -3.40
CA ILE A 257 13.88 -7.84 -4.30
C ILE A 257 12.57 -7.64 -5.04
N ALA A 258 11.71 -6.74 -4.55
CA ALA A 258 10.37 -6.59 -5.15
C ALA A 258 9.81 -5.22 -4.83
N SER A 259 9.00 -4.76 -5.77
CA SER A 259 8.25 -3.50 -5.70
C SER A 259 6.77 -3.88 -5.67
N ASP A 260 5.89 -2.89 -5.77
CA ASP A 260 4.41 -3.07 -5.72
C ASP A 260 3.89 -4.30 -6.50
N GLY A 261 4.37 -4.50 -7.73
CA GLY A 261 3.84 -5.49 -8.68
C GLY A 261 4.72 -6.71 -8.79
N GLY A 262 5.79 -6.82 -7.99
CA GLY A 262 6.55 -8.08 -7.88
C GLY A 262 8.04 -7.95 -8.10
N LEU A 263 8.68 -9.08 -8.44
CA LEU A 263 10.15 -9.21 -8.34
C LEU A 263 10.79 -8.17 -9.27
N LEU A 264 11.93 -7.61 -8.83
CA LEU A 264 12.88 -6.89 -9.71
C LEU A 264 13.64 -7.95 -10.52
N PRO A 265 14.33 -7.57 -11.62
CA PRO A 265 15.18 -8.53 -12.34
C PRO A 265 16.30 -9.08 -11.44
N GLU A 266 16.91 -8.22 -10.64
CA GLU A 266 17.93 -8.63 -9.66
C GLU A 266 17.84 -7.72 -8.44
N PRO A 267 18.42 -8.14 -7.30
CA PRO A 267 18.35 -7.31 -6.11
C PRO A 267 19.00 -5.94 -6.35
N VAL A 268 18.37 -4.87 -5.82
CA VAL A 268 18.97 -3.52 -5.70
C VAL A 268 19.35 -3.21 -4.25
N LYS A 269 20.66 -3.16 -3.97
CA LYS A 269 21.19 -2.87 -2.61
C LYS A 269 21.02 -1.37 -2.37
N VAL A 270 20.38 -0.98 -1.28
CA VAL A 270 20.16 0.46 -0.93
C VAL A 270 20.57 0.63 0.53
N SER A 271 20.89 1.85 0.94
CA SER A 271 21.22 2.20 2.34
C SER A 271 19.99 2.85 2.98
N GLU A 272 19.07 3.34 2.15
CA GLU A 272 17.75 3.83 2.65
C GLU A 272 16.70 3.57 1.57
N LEU A 273 15.45 3.34 2.00
CA LEU A 273 14.35 3.02 1.09
C LEU A 273 13.18 3.95 1.38
N PRO A 274 13.02 5.09 0.65
CA PRO A 274 11.79 5.87 0.71
C PRO A 274 10.59 5.02 0.24
N VAL A 275 9.47 5.18 0.92
CA VAL A 275 8.25 4.39 0.63
C VAL A 275 7.08 5.36 0.79
N LEU A 276 6.40 5.61 -0.33
CA LEU A 276 5.20 6.46 -0.42
C LEU A 276 4.03 5.70 0.20
N MET A 277 3.02 6.44 0.62
CA MET A 277 1.75 5.88 1.11
C MET A 277 1.18 4.91 0.06
N GLY A 278 0.94 3.66 0.48
CA GLY A 278 0.28 2.65 -0.32
C GLY A 278 1.26 1.76 -1.06
N GLU A 279 2.54 2.14 -1.11
CA GLU A 279 3.61 1.34 -1.78
C GLU A 279 4.04 0.15 -0.92
N ARG A 280 4.48 -0.94 -1.57
CA ARG A 280 5.14 -2.10 -0.96
C ARG A 280 6.51 -2.28 -1.63
N PHE A 281 7.49 -2.54 -0.80
CA PHE A 281 8.76 -3.15 -1.25
C PHE A 281 8.96 -4.39 -0.39
N GLU A 282 9.54 -5.44 -0.96
CA GLU A 282 10.10 -6.56 -0.19
C GLU A 282 11.62 -6.41 -0.23
N VAL A 283 12.26 -6.50 0.93
CA VAL A 283 13.72 -6.38 1.13
C VAL A 283 14.23 -7.57 1.92
N LEU A 284 15.42 -7.99 1.58
CA LEU A 284 16.16 -8.90 2.44
C LEU A 284 17.11 -8.04 3.25
N VAL A 285 17.23 -8.40 4.51
CA VAL A 285 18.22 -7.80 5.43
C VAL A 285 18.92 -8.96 6.15
N GLU A 286 20.21 -8.78 6.37
CA GLU A 286 21.08 -9.79 6.97
C GLU A 286 20.86 -9.82 8.47
N VAL A 287 20.69 -11.02 8.98
CA VAL A 287 20.78 -11.35 10.42
C VAL A 287 22.04 -12.21 10.56
N ASN A 288 23.19 -11.56 10.75
CA ASN A 288 24.53 -12.19 10.55
C ASN A 288 25.26 -12.40 11.88
N ASP A 289 24.76 -11.87 13.00
CA ASP A 289 25.35 -12.06 14.34
C ASP A 289 24.23 -12.12 15.40
N ASN A 290 24.61 -12.17 16.67
CA ASN A 290 23.69 -12.36 17.83
C ASN A 290 23.22 -11.00 18.37
N LYS A 291 23.53 -9.88 17.72
CA LYS A 291 23.20 -8.53 18.24
C LYS A 291 21.91 -8.00 17.62
N PRO A 292 21.01 -7.46 18.47
CA PRO A 292 19.80 -6.79 17.99
C PRO A 292 20.11 -5.51 17.20
N PHE A 293 19.32 -5.27 16.17
CA PHE A 293 19.29 -3.97 15.45
C PHE A 293 17.83 -3.57 15.19
N ASP A 294 17.60 -2.28 14.96
CA ASP A 294 16.24 -1.79 14.60
C ASP A 294 16.18 -1.53 13.11
N LEU A 295 15.00 -1.81 12.57
CA LEU A 295 14.47 -1.14 11.38
C LEU A 295 13.94 0.20 11.85
N VAL A 296 14.41 1.28 11.22
CA VAL A 296 14.00 2.68 11.53
C VAL A 296 13.41 3.32 10.27
N THR A 297 12.78 4.49 10.47
CA THR A 297 12.34 5.41 9.44
C THR A 297 13.05 6.75 9.68
N LEU A 298 13.66 7.28 8.63
CA LEU A 298 14.52 8.49 8.71
C LEU A 298 13.65 9.71 8.45
N PRO A 299 14.04 10.91 8.94
CA PRO A 299 13.28 12.11 8.63
C PRO A 299 13.10 12.28 7.11
N VAL A 300 11.92 12.75 6.74
CA VAL A 300 11.52 12.99 5.34
C VAL A 300 11.36 14.51 5.16
N SER A 301 11.48 14.97 3.92
CA SER A 301 11.10 16.32 3.43
C SER A 301 9.64 16.27 2.97
N GLN A 302 8.73 16.64 3.86
CA GLN A 302 7.27 16.64 3.65
C GLN A 302 6.72 17.61 4.67
N MET A 303 5.86 18.55 4.25
CA MET A 303 5.31 19.59 5.14
C MET A 303 4.87 18.91 6.44
N GLU A 304 5.55 19.22 7.54
CA GLU A 304 5.12 18.95 8.94
C GLU A 304 5.25 17.46 9.29
N MET A 305 5.99 16.69 8.48
CA MET A 305 6.25 15.24 8.75
C MET A 305 7.58 15.05 9.48
N ALA A 306 8.39 16.10 9.59
CA ALA A 306 9.69 16.05 10.29
C ALA A 306 9.62 16.78 11.64
N ILE A 307 8.43 17.04 12.18
CA ILE A 307 8.25 17.53 13.58
C ILE A 307 8.45 16.33 14.52
N ALA A 308 9.00 16.55 15.72
CA ALA A 308 9.29 15.50 16.73
C ALA A 308 8.00 14.72 17.01
N PRO A 309 8.03 13.37 17.11
CA PRO A 309 9.26 12.60 17.19
C PRO A 309 9.90 12.08 15.88
N PHE A 310 9.41 12.53 14.72
CA PHE A 310 9.92 12.13 13.38
C PHE A 310 10.99 13.11 12.87
N ASP A 311 11.56 13.90 13.78
CA ASP A 311 12.64 14.88 13.47
C ASP A 311 14.00 14.17 13.51
N LYS A 312 14.05 12.95 14.05
CA LYS A 312 15.24 12.06 14.08
C LYS A 312 14.84 10.67 13.60
N PRO A 313 15.81 9.76 13.32
CA PRO A 313 15.50 8.35 13.05
C PRO A 313 14.55 7.80 14.11
N HIS A 314 13.42 7.24 13.67
CA HIS A 314 12.39 6.67 14.57
C HIS A 314 12.40 5.15 14.43
N PRO A 315 12.55 4.41 15.54
CA PRO A 315 12.48 2.95 15.51
C PRO A 315 11.14 2.48 14.96
N VAL A 316 11.15 1.44 14.13
CA VAL A 316 9.91 0.81 13.57
C VAL A 316 9.72 -0.55 14.26
N MET A 317 10.80 -1.31 14.38
CA MET A 317 10.77 -2.63 15.04
C MET A 317 12.20 -3.08 15.32
N ARG A 318 12.33 -3.81 16.42
CA ARG A 318 13.59 -4.39 16.93
C ARG A 318 13.69 -5.78 16.32
N ILE A 319 14.80 -6.07 15.68
CA ILE A 319 15.08 -7.44 15.16
C ILE A 319 16.00 -8.10 16.19
N GLN A 320 15.51 -9.19 16.80
CA GLN A 320 16.20 -9.96 17.85
C GLN A 320 16.58 -11.30 17.21
N PRO A 321 17.88 -11.56 16.97
CA PRO A 321 18.29 -12.81 16.32
C PRO A 321 18.13 -14.02 17.25
N ILE A 322 17.69 -15.16 16.71
CA ILE A 322 17.73 -16.49 17.38
C ILE A 322 18.82 -17.32 16.71
N ALA A 323 19.42 -18.29 17.43
CA ALA A 323 20.60 -19.08 16.99
C ALA A 323 20.22 -20.08 15.89
N ILE A 324 18.93 -20.35 15.66
CA ILE A 324 18.43 -21.01 14.41
C ILE A 324 19.07 -20.34 13.18
N SER A 325 19.60 -21.14 12.25
CA SER A 325 19.98 -20.73 10.87
C SER A 325 18.78 -20.99 9.95
N ALA A 326 18.50 -20.06 9.03
CA ALA A 326 17.41 -20.15 8.03
C ALA A 326 18.03 -20.45 6.67
N SER A 327 17.34 -21.23 5.82
CA SER A 327 17.88 -21.67 4.50
C SER A 327 17.64 -20.62 3.40
N GLY A 328 16.84 -19.57 3.61
CA GLY A 328 16.53 -18.59 2.55
C GLY A 328 17.78 -17.93 1.98
N ALA A 329 17.77 -17.59 0.69
CA ALA A 329 18.91 -16.99 -0.03
C ALA A 329 18.51 -15.73 -0.79
N LEU A 330 19.50 -14.89 -1.09
CA LEU A 330 19.39 -13.74 -2.00
C LEU A 330 19.91 -14.18 -3.37
N PRO A 331 19.02 -14.58 -4.32
CA PRO A 331 19.46 -15.00 -5.65
C PRO A 331 20.14 -13.83 -6.39
N ASP A 332 21.22 -14.11 -7.13
CA ASP A 332 21.94 -13.07 -7.93
C ASP A 332 20.95 -12.52 -8.98
N THR A 333 20.01 -13.36 -9.43
CA THR A 333 18.99 -13.01 -10.44
C THR A 333 17.63 -13.54 -9.97
N LEU A 334 16.59 -12.72 -10.11
CA LEU A 334 15.26 -13.02 -9.55
C LEU A 334 14.24 -13.37 -10.65
N SER A 335 14.18 -12.54 -11.67
CA SER A 335 13.14 -12.58 -12.73
C SER A 335 13.64 -11.88 -14.00
N SER A 336 12.82 -11.91 -15.04
CA SER A 336 13.07 -11.16 -16.30
C SER A 336 12.00 -10.08 -16.41
N LEU A 337 12.45 -8.84 -16.61
CA LEU A 337 11.58 -7.67 -16.88
C LEU A 337 11.51 -7.51 -18.39
N PRO A 338 10.32 -7.51 -19.03
CA PRO A 338 10.23 -7.28 -20.47
C PRO A 338 10.76 -5.88 -20.85
N ALA A 339 11.50 -5.81 -21.95
CA ALA A 339 11.89 -4.57 -22.66
C ALA A 339 10.70 -3.61 -22.72
N LEU A 340 10.93 -2.33 -22.42
CA LEU A 340 10.00 -1.24 -22.78
C LEU A 340 9.72 -1.35 -24.28
N PRO A 341 8.47 -1.19 -24.77
CA PRO A 341 8.21 -1.15 -26.20
C PRO A 341 8.63 0.20 -26.78
N SER A 342 8.49 0.40 -28.09
CA SER A 342 8.60 1.75 -28.74
C SER A 342 7.50 2.65 -28.15
N LEU A 343 7.85 3.89 -27.76
CA LEU A 343 6.89 4.86 -27.17
C LEU A 343 6.28 5.72 -28.27
N GLU A 344 6.83 5.68 -29.48
CA GLU A 344 6.30 6.43 -30.65
C GLU A 344 4.96 5.77 -31.07
N GLY A 345 3.91 6.58 -31.22
CA GLY A 345 2.59 6.10 -31.69
C GLY A 345 1.59 5.96 -30.56
N LEU A 346 2.05 5.82 -29.31
CA LEU A 346 1.17 5.55 -28.13
C LEU A 346 0.33 6.80 -27.80
N THR A 347 -0.93 6.56 -27.40
CA THR A 347 -1.82 7.57 -26.79
C THR A 347 -1.13 8.16 -25.56
N VAL A 348 -1.13 9.50 -25.47
CA VAL A 348 -0.63 10.26 -24.29
C VAL A 348 -1.86 10.79 -23.56
N ARG A 349 -1.92 10.66 -22.23
CA ARG A 349 -2.95 11.31 -21.37
C ARG A 349 -2.23 12.18 -20.34
N LYS A 350 -2.71 13.41 -20.19
CA LYS A 350 -2.16 14.45 -19.31
C LYS A 350 -3.09 14.52 -18.09
N LEU A 351 -2.52 14.32 -16.90
CA LEU A 351 -3.24 14.35 -15.60
C LEU A 351 -2.58 15.43 -14.73
N GLN A 352 -3.20 16.60 -14.64
CA GLN A 352 -2.69 17.77 -13.89
C GLN A 352 -3.34 17.77 -12.51
N LEU A 353 -2.57 17.48 -11.46
CA LEU A 353 -3.09 17.57 -10.06
C LEU A 353 -3.02 19.03 -9.61
N SER A 354 -4.00 19.47 -8.85
CA SER A 354 -4.06 20.88 -8.38
C SER A 354 -4.87 20.92 -7.10
N MET A 355 -4.52 21.88 -6.24
CA MET A 355 -5.16 22.09 -4.92
C MET A 355 -5.68 23.53 -4.92
N ASP A 356 -6.95 23.72 -4.55
CA ASP A 356 -7.63 25.04 -4.61
C ASP A 356 -6.86 25.97 -3.67
N PRO A 357 -6.34 27.12 -4.17
CA PRO A 357 -5.56 28.07 -3.37
C PRO A 357 -6.03 28.45 -1.95
N MET A 358 -7.31 28.26 -1.63
CA MET A 358 -7.86 28.58 -0.28
C MET A 358 -7.93 27.30 0.56
N ASP A 403 -16.76 23.93 1.39
CA ASP A 403 -16.30 23.63 0.00
C ASP A 403 -14.97 22.86 0.02
N PHE A 404 -14.31 22.69 1.18
CA PHE A 404 -12.97 22.05 1.27
C PHE A 404 -13.09 20.58 0.81
N HIS A 405 -14.29 20.00 0.93
CA HIS A 405 -14.63 18.60 0.51
C HIS A 405 -14.46 18.39 -1.00
N HIS A 406 -14.29 19.45 -1.80
CA HIS A 406 -14.12 19.37 -3.28
C HIS A 406 -12.99 20.32 -3.71
N ALA A 407 -12.01 20.59 -2.84
CA ALA A 407 -10.91 21.55 -3.10
C ALA A 407 -9.76 20.92 -3.92
N ASN A 408 -9.63 19.60 -3.93
CA ASN A 408 -8.46 18.95 -4.59
C ASN A 408 -8.96 18.35 -5.91
N LYS A 409 -8.16 18.48 -6.98
CA LYS A 409 -8.64 18.21 -8.35
C LYS A 409 -7.57 17.49 -9.18
N ILE A 410 -8.04 16.93 -10.28
CA ILE A 410 -7.23 16.47 -11.42
C ILE A 410 -7.83 17.16 -12.66
N ASN A 411 -7.00 17.79 -13.49
CA ASN A 411 -7.48 18.44 -14.74
C ASN A 411 -8.70 19.31 -14.33
N GLY A 412 -8.59 20.05 -13.23
CA GLY A 412 -9.52 21.14 -12.86
C GLY A 412 -10.85 20.65 -12.30
N GLN A 413 -11.04 19.34 -12.10
CA GLN A 413 -12.34 18.77 -11.63
C GLN A 413 -12.11 17.88 -10.41
N ALA A 414 -12.94 18.04 -9.37
CA ALA A 414 -12.94 17.18 -8.16
C ALA A 414 -13.75 15.94 -8.49
N PHE A 415 -13.35 14.80 -7.93
CA PHE A 415 -13.93 13.47 -8.23
C PHE A 415 -15.46 13.56 -8.28
N ASP A 416 -16.04 13.19 -9.42
CA ASP A 416 -17.50 12.94 -9.62
C ASP A 416 -17.69 11.45 -9.84
N MET A 417 -18.30 10.75 -8.88
CA MET A 417 -18.55 9.29 -8.94
C MET A 417 -19.33 8.95 -10.22
N ASN A 418 -20.15 9.89 -10.72
CA ASN A 418 -21.11 9.71 -11.84
C ASN A 418 -20.43 9.80 -13.22
N LYS A 419 -19.37 10.61 -13.39
CA LYS A 419 -18.82 10.99 -14.73
C LYS A 419 -17.36 10.55 -14.88
N PRO A 420 -17.09 9.32 -15.40
CA PRO A 420 -15.74 8.93 -15.76
C PRO A 420 -15.07 9.97 -16.69
N MET A 421 -13.80 10.29 -16.43
CA MET A 421 -13.10 11.38 -17.17
C MET A 421 -12.67 10.92 -18.57
N PHE A 422 -12.50 9.61 -18.80
CA PHE A 422 -12.09 9.07 -20.12
C PHE A 422 -12.16 7.55 -20.15
N ALA A 423 -11.96 6.99 -21.35
CA ALA A 423 -11.97 5.54 -21.64
C ALA A 423 -10.60 5.14 -22.22
N ALA A 424 -9.88 4.30 -21.50
CA ALA A 424 -8.60 3.69 -21.94
C ALA A 424 -8.91 2.56 -22.94
N ALA A 425 -7.94 2.24 -23.79
CA ALA A 425 -7.98 1.07 -24.69
C ALA A 425 -7.54 -0.16 -23.91
N LYS A 426 -8.26 -1.27 -24.07
CA LYS A 426 -7.94 -2.59 -23.47
C LYS A 426 -6.74 -3.20 -24.21
N GLY A 427 -5.75 -3.66 -23.47
CA GLY A 427 -4.59 -4.40 -24.01
C GLY A 427 -3.69 -3.52 -24.86
N GLN A 428 -3.85 -2.18 -24.81
CA GLN A 428 -3.09 -1.22 -25.66
C GLN A 428 -2.24 -0.33 -24.75
N TYR A 429 -0.92 -0.30 -24.97
CA TYR A 429 0.04 0.51 -24.16
C TYR A 429 -0.38 1.97 -24.24
N GLU A 430 -0.34 2.64 -23.08
CA GLU A 430 -0.54 4.11 -22.99
C GLU A 430 0.55 4.75 -22.13
N ARG A 431 0.86 6.00 -22.46
CA ARG A 431 1.73 6.90 -21.66
C ARG A 431 0.85 7.93 -20.94
N TRP A 432 0.84 7.89 -19.61
CA TRP A 432 0.14 8.84 -18.70
C TRP A 432 1.19 9.70 -18.04
N VAL A 433 0.99 11.01 -18.17
CA VAL A 433 1.90 12.10 -17.73
C VAL A 433 1.16 12.74 -16.55
N ILE A 434 1.70 12.59 -15.34
CA ILE A 434 1.02 13.17 -14.15
C ILE A 434 1.88 14.32 -13.63
N SER A 435 1.23 15.46 -13.39
CA SER A 435 1.90 16.75 -13.11
C SER A 435 1.38 17.32 -11.79
N GLY A 436 2.28 17.50 -10.83
CA GLY A 436 2.00 18.22 -9.57
C GLY A 436 2.59 19.61 -9.61
N VAL A 437 3.14 19.98 -10.77
CA VAL A 437 3.64 21.36 -11.08
C VAL A 437 2.54 22.35 -10.69
N GLY A 438 2.86 23.25 -9.76
CA GLY A 438 1.91 24.27 -9.27
C GLY A 438 1.61 24.10 -7.79
N ASP A 439 2.15 23.06 -7.13
CA ASP A 439 2.28 23.01 -5.64
C ASP A 439 3.47 22.10 -5.26
N MET A 440 3.90 22.17 -4.01
CA MET A 440 5.13 21.48 -3.52
C MET A 440 4.76 20.31 -2.59
N MET A 441 3.48 19.90 -2.55
CA MET A 441 3.01 18.75 -1.74
C MET A 441 3.41 17.45 -2.44
N LEU A 442 3.52 16.38 -1.66
CA LEU A 442 3.77 15.00 -2.14
C LEU A 442 2.45 14.33 -2.53
N HIS A 443 2.35 13.84 -3.77
CA HIS A 443 1.17 13.10 -4.28
C HIS A 443 1.67 11.76 -4.80
N PRO A 444 1.56 10.68 -3.99
CA PRO A 444 1.76 9.32 -4.49
C PRO A 444 0.58 8.93 -5.39
N PHE A 445 0.81 8.93 -6.68
CA PHE A 445 -0.30 8.78 -7.66
C PHE A 445 -0.49 7.31 -8.05
N HIS A 446 -1.66 6.81 -7.72
CA HIS A 446 -2.00 5.37 -7.78
C HIS A 446 -3.01 5.16 -8.90
N ILE A 447 -2.76 4.23 -9.82
CA ILE A 447 -3.72 3.89 -10.91
C ILE A 447 -4.19 2.45 -10.64
N HIS A 448 -5.50 2.24 -10.55
CA HIS A 448 -6.13 0.90 -10.39
C HIS A 448 -5.98 0.06 -11.67
N GLY A 449 -6.10 -1.26 -11.56
CA GLY A 449 -6.33 -2.15 -12.72
C GLY A 449 -5.06 -2.49 -13.47
N THR A 450 -3.90 -2.05 -12.99
CA THR A 450 -2.63 -2.22 -13.71
C THR A 450 -1.44 -2.27 -12.75
N GLN A 451 -0.40 -2.99 -13.16
CA GLN A 451 1.00 -2.77 -12.73
C GLN A 451 1.71 -2.12 -13.93
N PHE A 452 2.27 -0.94 -13.72
CA PHE A 452 2.88 -0.12 -14.79
C PHE A 452 4.40 -0.08 -14.65
N ARG A 453 5.01 0.55 -15.67
CA ARG A 453 6.45 0.89 -15.73
C ARG A 453 6.55 2.42 -15.61
N ILE A 454 7.40 2.90 -14.70
CA ILE A 454 7.74 4.35 -14.56
C ILE A 454 8.77 4.67 -15.64
N LEU A 455 8.47 5.63 -16.52
CA LEU A 455 9.35 6.09 -17.63
C LEU A 455 10.21 7.26 -17.15
N SER A 456 9.56 8.22 -16.49
CA SER A 456 10.19 9.31 -15.74
C SER A 456 9.45 9.51 -14.40
N GLU A 457 10.19 9.61 -13.31
CA GLU A 457 9.60 9.91 -11.98
C GLU A 457 10.02 11.33 -11.60
N ASN A 458 9.08 12.25 -11.47
CA ASN A 458 9.34 13.61 -10.95
C ASN A 458 10.54 14.22 -11.69
N GLY A 459 10.59 14.09 -13.02
CA GLY A 459 11.63 14.63 -13.90
C GLY A 459 13.03 14.09 -13.64
N LYS A 460 13.17 12.80 -13.30
CA LYS A 460 14.44 12.03 -13.44
C LYS A 460 14.07 10.64 -13.97
N PRO A 461 15.00 9.91 -14.64
CA PRO A 461 14.81 8.46 -14.84
C PRO A 461 14.68 7.71 -13.53
N PRO A 462 13.85 6.64 -13.45
CA PRO A 462 13.56 6.00 -12.16
C PRO A 462 14.80 5.35 -11.52
N ALA A 463 14.89 5.42 -10.19
CA ALA A 463 15.85 4.63 -9.40
C ALA A 463 15.68 3.17 -9.77
N ALA A 464 16.75 2.39 -9.70
CA ALA A 464 16.82 0.97 -10.12
C ALA A 464 15.72 0.15 -9.41
N HIS A 465 15.55 0.37 -8.10
CA HIS A 465 14.58 -0.41 -7.27
C HIS A 465 13.14 -0.02 -7.64
N ARG A 466 12.95 1.11 -8.33
CA ARG A 466 11.64 1.69 -8.70
C ARG A 466 11.37 1.55 -10.22
N ALA A 467 12.23 0.81 -10.94
CA ALA A 467 12.22 0.68 -12.42
C ALA A 467 11.54 -0.62 -12.87
N GLY A 468 11.01 -1.40 -11.93
CA GLY A 468 10.19 -2.61 -12.20
C GLY A 468 8.70 -2.31 -12.21
N TRP A 469 7.89 -3.23 -11.69
CA TRP A 469 6.39 -3.15 -11.69
C TRP A 469 5.92 -2.29 -10.51
N LYS A 470 5.20 -1.22 -10.82
CA LYS A 470 4.74 -0.20 -9.84
C LYS A 470 3.25 0.06 -10.07
N ASP A 471 2.52 0.40 -8.99
CA ASP A 471 1.11 0.88 -9.10
C ASP A 471 1.00 2.30 -8.54
N THR A 472 2.12 2.87 -8.09
CA THR A 472 2.22 4.24 -7.52
C THR A 472 3.48 4.90 -8.09
N VAL A 473 3.46 6.22 -8.20
CA VAL A 473 4.57 7.01 -8.80
C VAL A 473 4.56 8.34 -8.06
N LYS A 474 5.73 8.82 -7.63
CA LYS A 474 5.85 10.10 -6.90
C LYS A 474 5.54 11.24 -7.85
N VAL A 475 4.76 12.21 -7.39
CA VAL A 475 4.54 13.48 -8.07
C VAL A 475 4.65 14.56 -6.98
N GLU A 476 5.69 15.39 -7.05
CA GLU A 476 6.04 16.41 -6.02
C GLU A 476 6.69 17.61 -6.71
N GLY A 477 5.89 18.61 -7.08
CA GLY A 477 6.30 19.85 -7.77
C GLY A 477 7.04 19.55 -9.05
N ASN A 478 6.61 18.53 -9.81
CA ASN A 478 7.26 18.12 -11.08
C ASN A 478 6.31 17.20 -11.86
N VAL A 479 6.84 16.37 -12.77
CA VAL A 479 6.04 15.64 -13.79
C VAL A 479 6.60 14.24 -13.89
N SER A 480 5.73 13.24 -13.77
CA SER A 480 6.13 11.81 -13.91
C SER A 480 5.36 11.20 -15.07
N GLU A 481 5.94 10.14 -15.61
CA GLU A 481 5.52 9.51 -16.87
C GLU A 481 5.56 8.01 -16.64
N VAL A 482 4.45 7.33 -16.88
CA VAL A 482 4.37 5.87 -16.64
C VAL A 482 3.75 5.21 -17.89
N LEU A 483 4.21 4.01 -18.22
CA LEU A 483 3.69 3.18 -19.33
C LEU A 483 2.72 2.15 -18.74
N VAL A 484 1.47 2.26 -19.19
CA VAL A 484 0.27 1.64 -18.58
C VAL A 484 -0.40 0.75 -19.63
N LYS A 485 -0.99 -0.37 -19.21
CA LYS A 485 -1.90 -1.20 -20.04
C LYS A 485 -2.92 -1.86 -19.11
N PHE A 486 -4.18 -1.94 -19.53
CA PHE A 486 -5.31 -2.52 -18.77
C PHE A 486 -5.77 -3.77 -19.50
N ASN A 487 -5.53 -4.93 -18.89
CA ASN A 487 -5.89 -6.24 -19.47
C ASN A 487 -7.35 -6.59 -19.18
N HIS A 488 -8.09 -5.80 -18.38
CA HIS A 488 -9.45 -6.15 -17.88
C HIS A 488 -10.39 -4.97 -18.03
N ASP A 489 -11.69 -5.26 -18.20
CA ASP A 489 -12.73 -4.23 -18.46
C ASP A 489 -13.11 -3.54 -17.15
N ALA A 490 -13.48 -2.28 -17.24
CA ALA A 490 -14.12 -1.53 -16.14
C ALA A 490 -15.18 -0.62 -16.77
N PRO A 491 -16.47 -0.99 -16.70
CA PRO A 491 -17.53 -0.17 -17.27
C PRO A 491 -17.81 1.08 -16.43
N LYS A 492 -18.76 1.92 -16.89
CA LYS A 492 -19.15 3.20 -16.25
C LYS A 492 -19.52 2.96 -14.78
N GLU A 493 -20.28 1.90 -14.51
CA GLU A 493 -20.93 1.63 -13.19
C GLU A 493 -19.90 1.07 -12.20
N HIS A 494 -18.74 0.62 -12.67
CA HIS A 494 -17.64 0.07 -11.83
C HIS A 494 -16.30 0.47 -12.46
N ALA A 495 -16.12 1.79 -12.62
CA ALA A 495 -14.90 2.40 -13.20
C ALA A 495 -13.70 2.11 -12.28
N TYR A 496 -12.51 2.09 -12.86
CA TYR A 496 -11.23 2.15 -12.14
C TYR A 496 -11.03 3.57 -11.63
N MET A 497 -10.29 3.71 -10.55
CA MET A 497 -9.88 5.02 -9.99
C MET A 497 -8.42 5.25 -10.36
N ALA A 498 -8.05 6.52 -10.47
CA ALA A 498 -6.67 7.01 -10.51
C ALA A 498 -6.67 8.21 -9.59
N HIS A 499 -5.79 8.21 -8.57
CA HIS A 499 -5.89 9.22 -7.49
C HIS A 499 -4.58 9.35 -6.71
N CYS A 500 -4.47 10.47 -6.02
CA CYS A 500 -3.43 10.66 -4.98
C CYS A 500 -3.78 9.70 -3.85
N HIS A 501 -2.79 9.04 -3.26
CA HIS A 501 -2.96 8.07 -2.15
C HIS A 501 -2.56 8.72 -0.81
N LEU A 502 -2.45 10.05 -0.80
CA LEU A 502 -2.62 10.86 0.43
C LEU A 502 -4.13 10.90 0.67
N LEU A 503 -4.64 10.07 1.59
CA LEU A 503 -6.06 9.65 1.64
C LEU A 503 -6.97 10.88 1.80
N GLU A 504 -6.56 11.87 2.58
CA GLU A 504 -7.39 13.09 2.79
C GLU A 504 -7.48 13.87 1.47
N HIS A 505 -6.48 13.79 0.60
CA HIS A 505 -6.55 14.44 -0.73
C HIS A 505 -7.57 13.70 -1.60
N GLU A 506 -7.50 12.37 -1.59
CA GLU A 506 -8.42 11.46 -2.32
C GLU A 506 -9.84 11.85 -1.91
N ASP A 507 -10.06 11.90 -0.61
CA ASP A 507 -11.39 12.13 0.02
C ASP A 507 -11.88 13.55 -0.27
N THR A 508 -11.02 14.47 -0.75
CA THR A 508 -11.41 15.88 -1.00
C THR A 508 -11.29 16.22 -2.49
N GLY A 509 -11.29 15.21 -3.37
CA GLY A 509 -11.49 15.37 -4.83
C GLY A 509 -10.33 14.88 -5.71
N MET A 510 -9.17 14.54 -5.14
CA MET A 510 -7.97 14.30 -6.00
C MET A 510 -7.99 12.86 -6.51
N MET A 511 -8.96 12.57 -7.39
CA MET A 511 -9.27 11.21 -7.91
C MET A 511 -10.11 11.36 -9.19
N LEU A 512 -9.84 10.54 -10.22
CA LEU A 512 -10.79 10.34 -11.34
C LEU A 512 -11.10 8.85 -11.49
N GLY A 513 -12.28 8.57 -12.03
CA GLY A 513 -12.61 7.29 -12.67
C GLY A 513 -12.24 7.30 -14.16
N PHE A 514 -12.00 6.11 -14.72
CA PHE A 514 -11.74 5.90 -16.16
C PHE A 514 -12.24 4.50 -16.51
N THR A 515 -12.72 4.32 -17.75
CA THR A 515 -13.35 3.06 -18.20
C THR A 515 -12.33 2.31 -19.04
N VAL A 516 -12.53 1.02 -19.25
CA VAL A 516 -11.66 0.14 -20.09
C VAL A 516 -12.58 -0.79 -20.90
CU2 C2O B . -4.78 1.83 -1.98
CU3 C2O B . -7.41 3.49 -4.92
O1 C2O B . -6.34 2.88 -3.12
C1 PEG C . 23.30 -18.70 6.62
O1 PEG C . 22.02 -19.26 6.70
C2 PEG C . 24.12 -18.94 7.86
O2 PEG C . 24.26 -17.73 8.60
C3 PEG C . 25.50 -17.05 8.37
C4 PEG C . 25.27 -15.58 8.17
O4 PEG C . 26.32 -14.99 7.43
C1 PEG D . 0.79 5.33 24.72
O1 PEG D . 1.46 6.40 25.37
C2 PEG D . -0.13 5.80 23.62
O2 PEG D . -1.48 5.67 24.03
C3 PEG D . -2.36 5.26 23.00
C4 PEG D . -3.81 5.39 23.44
O4 PEG D . -4.60 4.24 23.16
C1 PEG E . -13.13 -31.66 1.55
O1 PEG E . -12.83 -31.94 2.90
C2 PEG E . -14.61 -31.61 1.32
O2 PEG E . -14.91 -30.75 0.22
C3 PEG E . -15.11 -31.44 -1.01
C4 PEG E . -15.48 -30.45 -2.08
O4 PEG E . -16.38 -29.46 -1.61
C1 PEG F . 11.50 7.05 -3.75
O1 PEG F . 12.91 6.90 -3.95
C2 PEG F . 10.96 8.36 -4.20
O2 PEG F . 11.21 9.34 -3.20
C3 PEG F . 10.21 9.40 -2.19
C4 PEG F . 10.58 10.45 -1.20
O4 PEG F . 9.47 11.22 -0.83
CU CU G . -5.73 0.84 -5.76
CU CU H . -2.07 14.58 -3.07
N NO3 I . 26.47 -6.20 -14.53
O1 NO3 I . 25.89 -6.49 -15.58
O2 NO3 I . 27.11 -4.96 -14.42
O3 NO3 I . 26.50 -7.11 -13.47
N NO3 J . 23.12 -18.23 -26.04
O1 NO3 J . 22.10 -18.23 -26.72
O2 NO3 J . 23.76 -17.01 -25.75
O3 NO3 J . 23.65 -19.44 -25.56
N NO3 K . -20.66 -13.16 9.58
O1 NO3 K . -20.02 -14.11 9.14
O2 NO3 K . -21.85 -12.77 8.95
O3 NO3 K . -20.18 -12.48 10.73
#